data_3G43
#
_entry.id   3G43
#
_cell.length_a   39.790
_cell.length_b   113.980
_cell.length_c   182.130
_cell.angle_alpha   90.000
_cell.angle_beta   90.000
_cell.angle_gamma   90.000
#
_symmetry.space_group_name_H-M   'P 21 21 21'
#
loop_
_entity.id
_entity.type
_entity.pdbx_description
1 polymer Calmodulin
2 polymer 'Voltage-dependent L-type calcium channel subunit alpha-1C'
3 non-polymer 'CALCIUM ION'
4 water water
#
loop_
_entity_poly.entity_id
_entity_poly.type
_entity_poly.pdbx_seq_one_letter_code
_entity_poly.pdbx_strand_id
1 'polypeptide(L)'
;ADQLTEEQIAEFKEAFSLFDKDGDGTITTKELGTVMRSLGQNPTEAELQDMINEVDADGNGTIDFPEFLTMMARKMKDTD
SEEEIREAFRVFDKDGNGYISAAELRHVMTNLGEKLTDEEVDEMIREADIDGDGQVNYEEFVQMMTAK
;
A,B,C,D
2 'polypeptide(L)'
;GPLGSTLFALVRTALRIKTEGNLEQANEELRAIIKKIWKRTSMKLLDQVVPPAGDDEVTVGKFYATFLIQEYFRKFKKRE
Q
;
E,F
#
# COMPACT_ATOMS: atom_id res chain seq x y z
N GLN A 3 -37.00 14.71 -38.87
CA GLN A 3 -37.50 13.30 -38.85
C GLN A 3 -37.14 12.56 -40.13
N LEU A 4 -36.49 11.41 -39.99
CA LEU A 4 -36.10 10.63 -41.17
C LEU A 4 -37.25 9.74 -41.64
N THR A 5 -37.42 9.67 -42.97
CA THR A 5 -38.47 8.87 -43.55
C THR A 5 -38.00 7.44 -43.83
N GLU A 6 -38.96 6.53 -43.91
CA GLU A 6 -38.69 5.12 -44.18
C GLU A 6 -37.72 4.99 -45.36
N GLU A 7 -37.77 5.95 -46.27
CA GLU A 7 -36.92 5.95 -47.44
C GLU A 7 -35.50 6.42 -47.15
N GLN A 8 -35.38 7.51 -46.39
CA GLN A 8 -34.06 8.05 -46.05
C GLN A 8 -33.16 7.01 -45.41
N ILE A 9 -33.72 6.21 -44.50
CA ILE A 9 -32.96 5.19 -43.81
C ILE A 9 -32.43 4.16 -44.81
N ALA A 10 -33.18 3.94 -45.88
CA ALA A 10 -32.77 3.00 -46.91
C ALA A 10 -31.58 3.58 -47.67
N GLU A 11 -31.65 4.88 -47.94
CA GLU A 11 -30.57 5.56 -48.65
C GLU A 11 -29.30 5.52 -47.79
N PHE A 12 -29.45 5.88 -46.52
CA PHE A 12 -28.34 5.88 -45.58
C PHE A 12 -27.74 4.49 -45.44
N LYS A 13 -28.59 3.46 -45.39
CA LYS A 13 -28.10 2.10 -45.26
C LYS A 13 -27.27 1.74 -46.50
N GLU A 14 -27.70 2.25 -47.66
CA GLU A 14 -26.98 1.99 -48.89
C GLU A 14 -25.67 2.76 -48.90
N ALA A 15 -25.72 3.99 -48.38
CA ALA A 15 -24.54 4.84 -48.29
C ALA A 15 -23.53 4.12 -47.39
N PHE A 16 -24.00 3.65 -46.24
CA PHE A 16 -23.15 2.94 -45.30
C PHE A 16 -22.63 1.65 -45.90
N SER A 17 -23.47 0.99 -46.69
CA SER A 17 -23.11 -0.27 -47.32
C SER A 17 -21.96 -0.08 -48.31
N LEU A 18 -21.87 1.11 -48.88
CA LEU A 18 -20.83 1.44 -49.84
C LEU A 18 -19.48 1.54 -49.14
N PHE A 19 -19.42 2.32 -48.07
CA PHE A 19 -18.18 2.50 -47.33
C PHE A 19 -17.74 1.23 -46.62
N ASP A 20 -18.70 0.40 -46.22
CA ASP A 20 -18.37 -0.87 -45.56
C ASP A 20 -18.00 -1.85 -46.67
N LYS A 21 -16.79 -1.70 -47.17
CA LYS A 21 -16.26 -2.53 -48.25
C LYS A 21 -16.51 -4.03 -48.16
N ASP A 22 -15.98 -4.68 -47.13
CA ASP A 22 -16.16 -6.11 -46.98
C ASP A 22 -17.52 -6.49 -46.40
N GLY A 23 -18.32 -5.48 -46.09
CA GLY A 23 -19.65 -5.70 -45.55
C GLY A 23 -19.73 -6.37 -44.19
N ASP A 24 -18.73 -6.17 -43.33
CA ASP A 24 -18.75 -6.80 -42.02
C ASP A 24 -19.55 -6.01 -40.97
N GLY A 25 -20.28 -5.00 -41.42
CA GLY A 25 -21.08 -4.20 -40.50
C GLY A 25 -20.34 -3.05 -39.84
N THR A 26 -19.08 -2.84 -40.23
CA THR A 26 -18.29 -1.76 -39.66
C THR A 26 -17.43 -1.06 -40.73
N ILE A 27 -17.25 0.23 -40.56
CA ILE A 27 -16.42 1.01 -41.48
C ILE A 27 -15.12 1.34 -40.78
N THR A 28 -14.02 0.80 -41.28
CA THR A 28 -12.71 1.08 -40.69
C THR A 28 -12.12 2.29 -41.40
N THR A 29 -11.07 2.86 -40.80
CA THR A 29 -10.42 4.03 -41.38
C THR A 29 -9.94 3.71 -42.79
N LYS A 30 -9.41 2.50 -42.97
CA LYS A 30 -8.90 2.07 -44.26
C LYS A 30 -10.00 2.11 -45.31
N GLU A 31 -11.13 1.48 -45.00
CA GLU A 31 -12.26 1.44 -45.93
C GLU A 31 -12.74 2.85 -46.24
N LEU A 32 -12.85 3.67 -45.21
CA LEU A 32 -13.32 5.05 -45.38
C LEU A 32 -12.46 5.77 -46.40
N GLY A 33 -11.14 5.66 -46.24
CA GLY A 33 -10.24 6.32 -47.17
C GLY A 33 -10.32 5.76 -48.57
N THR A 34 -10.35 4.44 -48.69
CA THR A 34 -10.44 3.80 -49.99
C THR A 34 -11.67 4.28 -50.75
N VAL A 35 -12.85 3.89 -50.26
CA VAL A 35 -14.10 4.28 -50.89
C VAL A 35 -14.11 5.78 -51.18
N MET A 36 -13.70 6.57 -50.20
CA MET A 36 -13.66 8.01 -50.32
C MET A 36 -12.90 8.44 -51.58
N ARG A 37 -11.78 7.78 -51.86
CA ARG A 37 -10.96 8.10 -53.03
C ARG A 37 -11.59 7.60 -54.32
N SER A 38 -12.17 6.40 -54.28
CA SER A 38 -12.80 5.84 -55.46
C SER A 38 -13.94 6.76 -55.90
N LEU A 39 -14.39 7.62 -54.99
CA LEU A 39 -15.48 8.54 -55.28
C LEU A 39 -14.99 9.94 -55.64
N GLY A 40 -13.71 10.05 -55.97
CA GLY A 40 -13.15 11.34 -56.35
C GLY A 40 -12.64 12.22 -55.22
N GLN A 41 -12.90 11.82 -53.98
CA GLN A 41 -12.43 12.60 -52.83
C GLN A 41 -11.11 12.05 -52.29
N ASN A 42 -10.27 12.95 -51.80
CA ASN A 42 -8.97 12.53 -51.27
C ASN A 42 -8.65 13.17 -49.92
N PRO A 43 -9.31 12.70 -48.85
CA PRO A 43 -9.06 13.24 -47.51
C PRO A 43 -7.70 12.82 -46.98
N THR A 44 -7.12 13.65 -46.13
CA THR A 44 -5.81 13.36 -45.55
C THR A 44 -5.96 12.36 -44.41
N GLU A 45 -4.82 11.92 -43.88
CA GLU A 45 -4.78 10.98 -42.77
C GLU A 45 -5.46 11.61 -41.56
N ALA A 46 -5.11 12.86 -41.28
CA ALA A 46 -5.68 13.59 -40.16
C ALA A 46 -7.18 13.86 -40.36
N GLU A 47 -7.59 14.11 -41.60
CA GLU A 47 -8.99 14.36 -41.89
C GLU A 47 -9.81 13.08 -41.77
N LEU A 48 -9.24 11.98 -42.23
CA LEU A 48 -9.90 10.70 -42.15
C LEU A 48 -10.05 10.36 -40.67
N GLN A 49 -9.01 10.65 -39.91
CA GLN A 49 -8.99 10.38 -38.47
C GLN A 49 -10.06 11.18 -37.73
N ASP A 50 -10.25 12.44 -38.12
CA ASP A 50 -11.25 13.27 -37.47
C ASP A 50 -12.67 12.77 -37.74
N MET A 51 -12.89 12.23 -38.94
CA MET A 51 -14.20 11.72 -39.30
C MET A 51 -14.54 10.48 -38.44
N ILE A 52 -13.58 9.59 -38.26
CA ILE A 52 -13.80 8.39 -37.46
C ILE A 52 -14.12 8.77 -36.02
N ASN A 53 -13.26 9.58 -35.41
CA ASN A 53 -13.42 10.04 -34.04
C ASN A 53 -14.78 10.69 -33.82
N GLU A 54 -15.17 11.55 -34.75
CA GLU A 54 -16.44 12.27 -34.69
C GLU A 54 -17.68 11.39 -34.73
N VAL A 55 -17.64 10.32 -35.51
CA VAL A 55 -18.79 9.43 -35.63
C VAL A 55 -18.75 8.22 -34.71
N ASP A 56 -17.54 7.89 -34.24
CA ASP A 56 -17.35 6.73 -33.37
C ASP A 56 -17.89 6.95 -31.96
N ALA A 57 -19.21 6.86 -31.80
CA ALA A 57 -19.85 7.07 -30.50
C ALA A 57 -19.36 6.15 -29.37
N ASP A 58 -19.32 4.85 -29.61
CA ASP A 58 -18.87 3.95 -28.54
C ASP A 58 -17.33 3.89 -28.48
N GLY A 59 -16.69 4.65 -29.38
CA GLY A 59 -15.24 4.70 -29.41
C GLY A 59 -14.52 3.36 -29.57
N ASN A 60 -15.16 2.40 -30.22
CA ASN A 60 -14.53 1.11 -30.40
C ASN A 60 -13.56 1.15 -31.60
N GLY A 61 -13.42 2.33 -32.20
CA GLY A 61 -12.50 2.50 -33.31
C GLY A 61 -13.07 2.36 -34.72
N THR A 62 -14.30 1.89 -34.84
CA THR A 62 -14.91 1.74 -36.16
C THR A 62 -16.35 2.26 -36.15
N ILE A 63 -16.89 2.51 -37.33
CA ILE A 63 -18.25 3.04 -37.45
C ILE A 63 -19.24 1.97 -37.87
N ASP A 64 -20.31 1.84 -37.10
CA ASP A 64 -21.36 0.87 -37.42
C ASP A 64 -22.55 1.66 -37.93
N PHE A 65 -23.54 0.97 -38.48
CA PHE A 65 -24.71 1.65 -39.03
C PHE A 65 -25.41 2.56 -38.02
N PRO A 66 -25.62 2.10 -36.78
CA PRO A 66 -26.28 2.96 -35.80
C PRO A 66 -25.54 4.30 -35.63
N GLU A 67 -24.23 4.24 -35.45
CA GLU A 67 -23.42 5.45 -35.31
C GLU A 67 -23.51 6.26 -36.60
N PHE A 68 -23.45 5.58 -37.74
CA PHE A 68 -23.53 6.26 -39.01
C PHE A 68 -24.87 7.00 -39.12
N LEU A 69 -25.95 6.26 -38.92
CA LEU A 69 -27.30 6.83 -38.99
C LEU A 69 -27.49 7.99 -38.02
N THR A 70 -26.99 7.82 -36.79
CA THR A 70 -27.11 8.86 -35.77
C THR A 70 -26.51 10.18 -36.25
N MET A 71 -25.29 10.11 -36.76
CA MET A 71 -24.60 11.30 -37.24
C MET A 71 -25.30 11.87 -38.48
N MET A 72 -25.68 10.99 -39.40
CA MET A 72 -26.36 11.43 -40.61
C MET A 72 -27.66 12.14 -40.25
N ALA A 73 -28.28 11.70 -39.16
CA ALA A 73 -29.53 12.30 -38.71
C ALA A 73 -29.30 13.67 -38.08
N ARG A 74 -28.31 13.76 -37.19
CA ARG A 74 -28.02 15.03 -36.54
C ARG A 74 -27.53 16.06 -37.56
N LYS A 75 -26.47 15.70 -38.28
CA LYS A 75 -25.90 16.58 -39.29
C LYS A 75 -26.83 16.63 -40.49
N MET A 76 -28.09 16.98 -40.23
CA MET A 76 -29.12 17.09 -41.25
C MET A 76 -30.21 17.97 -40.69
N LYS A 77 -29.92 18.57 -39.54
CA LYS A 77 -30.84 19.46 -38.86
C LYS A 77 -30.06 20.60 -38.21
N ASP B 2 -20.92 -39.76 43.26
CA ASP B 2 -20.08 -39.70 42.02
C ASP B 2 -18.62 -39.46 42.36
N GLN B 3 -17.76 -40.38 41.94
CA GLN B 3 -16.33 -40.26 42.21
C GLN B 3 -15.55 -39.71 41.03
N LEU B 4 -14.23 -39.84 41.12
CA LEU B 4 -13.30 -39.39 40.09
C LEU B 4 -12.58 -40.61 39.53
N THR B 5 -12.98 -41.04 38.35
CA THR B 5 -12.33 -42.19 37.73
C THR B 5 -10.91 -41.77 37.37
N GLU B 6 -10.05 -42.75 37.12
CA GLU B 6 -8.68 -42.46 36.75
C GLU B 6 -8.66 -41.82 35.36
N GLU B 7 -9.67 -42.13 34.56
CA GLU B 7 -9.79 -41.59 33.22
C GLU B 7 -10.16 -40.12 33.28
N GLN B 8 -11.05 -39.80 34.21
CA GLN B 8 -11.50 -38.42 34.40
C GLN B 8 -10.31 -37.56 34.86
N ILE B 9 -9.54 -38.09 35.80
CA ILE B 9 -8.38 -37.40 36.31
C ILE B 9 -7.42 -37.14 35.16
N ALA B 10 -7.28 -38.15 34.30
CA ALA B 10 -6.40 -38.03 33.14
C ALA B 10 -6.85 -36.89 32.22
N GLU B 11 -8.16 -36.76 32.03
CA GLU B 11 -8.68 -35.70 31.19
C GLU B 11 -8.41 -34.33 31.83
N PHE B 12 -8.50 -34.29 33.15
CA PHE B 12 -8.23 -33.04 33.85
C PHE B 12 -6.74 -32.71 33.71
N LYS B 13 -5.91 -33.75 33.72
CA LYS B 13 -4.47 -33.57 33.57
C LYS B 13 -4.18 -32.98 32.19
N GLU B 14 -4.95 -33.43 31.20
CA GLU B 14 -4.81 -32.96 29.84
C GLU B 14 -5.08 -31.46 29.76
N ALA B 15 -6.08 -30.99 30.51
CA ALA B 15 -6.40 -29.57 30.53
C ALA B 15 -5.28 -28.85 31.29
N PHE B 16 -4.84 -29.43 32.41
CA PHE B 16 -3.77 -28.84 33.20
C PHE B 16 -2.53 -28.61 32.31
N SER B 17 -2.16 -29.63 31.54
CA SER B 17 -0.99 -29.53 30.67
C SER B 17 -1.08 -28.42 29.62
N LEU B 18 -2.29 -28.05 29.22
CA LEU B 18 -2.45 -26.98 28.24
C LEU B 18 -1.95 -25.67 28.85
N PHE B 19 -2.17 -25.50 30.15
CA PHE B 19 -1.75 -24.29 30.83
C PHE B 19 -0.30 -24.34 31.32
N ASP B 20 0.17 -25.53 31.70
CA ASP B 20 1.56 -25.69 32.15
C ASP B 20 2.45 -25.76 30.91
N LYS B 21 2.67 -24.60 30.29
CA LYS B 21 3.46 -24.50 29.07
C LYS B 21 4.87 -25.08 29.12
N ASP B 22 5.60 -24.85 30.21
CA ASP B 22 6.95 -25.38 30.29
C ASP B 22 7.05 -26.77 30.92
N GLY B 23 5.90 -27.39 31.17
CA GLY B 23 5.85 -28.73 31.74
C GLY B 23 6.56 -28.91 33.07
N ASP B 24 6.66 -27.85 33.86
CA ASP B 24 7.34 -27.96 35.14
C ASP B 24 6.42 -28.43 36.27
N GLY B 25 5.16 -28.73 35.94
CA GLY B 25 4.24 -29.21 36.96
C GLY B 25 3.47 -28.16 37.74
N THR B 26 3.62 -26.89 37.37
CA THR B 26 2.89 -25.83 38.06
C THR B 26 2.42 -24.79 37.04
N ILE B 27 1.25 -24.20 37.29
CA ILE B 27 0.76 -23.18 36.41
C ILE B 27 1.01 -21.84 37.10
N THR B 28 1.69 -20.93 36.41
CA THR B 28 1.99 -19.62 36.95
C THR B 28 1.08 -18.54 36.36
N THR B 29 1.11 -17.35 36.94
CA THR B 29 0.33 -16.22 36.45
C THR B 29 0.74 -15.93 35.00
N LYS B 30 2.03 -16.03 34.74
CA LYS B 30 2.58 -15.78 33.41
C LYS B 30 2.01 -16.76 32.39
N GLU B 31 1.98 -18.05 32.73
CA GLU B 31 1.44 -19.04 31.82
C GLU B 31 -0.06 -18.84 31.59
N LEU B 32 -0.80 -18.53 32.65
CA LEU B 32 -2.24 -18.30 32.48
C LEU B 32 -2.40 -17.11 31.55
N GLY B 33 -1.53 -16.12 31.72
CA GLY B 33 -1.57 -14.94 30.89
C GLY B 33 -1.42 -15.25 29.41
N THR B 34 -0.46 -16.10 29.06
CA THR B 34 -0.24 -16.44 27.65
C THR B 34 -1.38 -17.27 27.06
N VAL B 35 -2.02 -18.11 27.89
CA VAL B 35 -3.12 -18.91 27.39
C VAL B 35 -4.38 -18.07 27.20
N MET B 36 -4.63 -17.15 28.13
CA MET B 36 -5.81 -16.31 27.99
C MET B 36 -5.68 -15.38 26.79
N ARG B 37 -4.51 -14.79 26.60
CA ARG B 37 -4.32 -13.91 25.44
C ARG B 37 -4.41 -14.71 24.15
N SER B 38 -4.06 -15.98 24.19
CA SER B 38 -4.15 -16.83 23.00
C SER B 38 -5.61 -17.19 22.74
N LEU B 39 -6.48 -16.91 23.71
CA LEU B 39 -7.90 -17.20 23.56
C LEU B 39 -8.72 -15.91 23.46
N GLY B 40 -8.09 -14.84 23.01
CA GLY B 40 -8.80 -13.58 22.84
C GLY B 40 -8.97 -12.64 24.03
N GLN B 41 -8.64 -13.07 25.24
CA GLN B 41 -8.78 -12.19 26.40
C GLN B 41 -7.49 -11.44 26.71
N ASN B 42 -7.55 -10.50 27.64
CA ASN B 42 -6.38 -9.72 28.01
C ASN B 42 -6.40 -9.31 29.49
N PRO B 43 -6.24 -10.30 30.39
CA PRO B 43 -6.25 -10.01 31.83
C PRO B 43 -5.04 -9.21 32.29
N THR B 44 -5.24 -8.38 33.31
CA THR B 44 -4.17 -7.58 33.88
C THR B 44 -3.38 -8.45 34.86
N GLU B 45 -2.18 -8.01 35.22
CA GLU B 45 -1.37 -8.78 36.16
C GLU B 45 -2.11 -9.02 37.47
N ALA B 46 -2.86 -8.03 37.92
CA ALA B 46 -3.62 -8.17 39.16
C ALA B 46 -4.70 -9.23 39.01
N GLU B 47 -5.36 -9.26 37.86
CA GLU B 47 -6.41 -10.24 37.61
C GLU B 47 -5.84 -11.64 37.54
N LEU B 48 -4.69 -11.78 36.87
CA LEU B 48 -4.04 -13.08 36.76
C LEU B 48 -3.69 -13.60 38.14
N GLN B 49 -3.15 -12.72 38.99
CA GLN B 49 -2.78 -13.08 40.34
C GLN B 49 -3.99 -13.61 41.11
N ASP B 50 -5.11 -12.87 41.06
CA ASP B 50 -6.31 -13.27 41.76
C ASP B 50 -6.83 -14.61 41.25
N MET B 51 -6.75 -14.82 39.94
CA MET B 51 -7.20 -16.09 39.36
C MET B 51 -6.35 -17.24 39.90
N ILE B 52 -5.04 -17.03 39.97
CA ILE B 52 -4.15 -18.07 40.49
C ILE B 52 -4.45 -18.26 41.98
N ASN B 53 -4.58 -17.16 42.72
CA ASN B 53 -4.85 -17.23 44.16
C ASN B 53 -6.12 -18.03 44.48
N GLU B 54 -7.11 -17.94 43.62
CA GLU B 54 -8.35 -18.65 43.85
C GLU B 54 -8.18 -20.17 43.84
N VAL B 55 -7.23 -20.66 43.04
CA VAL B 55 -6.97 -22.10 42.94
C VAL B 55 -5.79 -22.60 43.79
N ASP B 56 -4.84 -21.71 44.05
CA ASP B 56 -3.64 -22.04 44.83
C ASP B 56 -3.91 -22.31 46.31
N ALA B 57 -4.20 -23.55 46.66
CA ALA B 57 -4.52 -23.89 48.05
C ALA B 57 -3.39 -23.80 49.08
N ASP B 58 -2.16 -24.17 48.73
CA ASP B 58 -1.11 -24.08 49.72
C ASP B 58 -0.44 -22.70 49.79
N GLY B 59 -0.94 -21.77 48.97
CA GLY B 59 -0.44 -20.42 48.96
C GLY B 59 1.00 -20.17 48.52
N ASN B 60 1.58 -21.06 47.72
CA ASN B 60 2.94 -20.85 47.26
C ASN B 60 3.02 -20.03 45.97
N GLY B 61 1.88 -19.48 45.55
CA GLY B 61 1.87 -18.64 44.36
C GLY B 61 1.62 -19.24 42.98
N THR B 62 1.52 -20.57 42.89
CA THR B 62 1.27 -21.22 41.61
C THR B 62 0.31 -22.38 41.85
N ILE B 63 -0.20 -22.93 40.76
CA ILE B 63 -1.14 -24.04 40.84
C ILE B 63 -0.50 -25.36 40.44
N ASP B 64 -0.57 -26.36 41.32
CA ASP B 64 -0.02 -27.68 40.99
C ASP B 64 -1.22 -28.54 40.62
N PHE B 65 -0.99 -29.76 40.15
CA PHE B 65 -2.12 -30.58 39.74
C PHE B 65 -3.14 -30.90 40.82
N PRO B 66 -2.68 -31.24 42.04
CA PRO B 66 -3.65 -31.56 43.10
C PRO B 66 -4.61 -30.38 43.30
N GLU B 67 -4.07 -29.16 43.27
CA GLU B 67 -4.91 -27.97 43.42
C GLU B 67 -5.84 -27.80 42.23
N PHE B 68 -5.29 -28.03 41.04
CA PHE B 68 -6.08 -27.92 39.81
C PHE B 68 -7.22 -28.95 39.83
N LEU B 69 -6.89 -30.20 40.17
CA LEU B 69 -7.89 -31.27 40.26
C LEU B 69 -9.01 -30.96 41.24
N THR B 70 -8.64 -30.43 42.41
CA THR B 70 -9.62 -30.08 43.43
C THR B 70 -10.65 -29.11 42.85
N MET B 71 -10.16 -28.06 42.19
CA MET B 71 -11.07 -27.08 41.60
C MET B 71 -11.88 -27.65 40.45
N MET B 72 -11.25 -28.43 39.59
CA MET B 72 -11.94 -29.01 38.44
C MET B 72 -13.01 -30.02 38.86
N ALA B 73 -12.68 -30.90 39.80
CA ALA B 73 -13.65 -31.88 40.28
C ALA B 73 -14.85 -31.19 40.92
N ARG B 74 -14.58 -30.12 41.66
CA ARG B 74 -15.66 -29.39 42.30
C ARG B 74 -16.61 -28.80 41.26
N LYS B 75 -16.07 -28.12 40.25
CA LYS B 75 -16.91 -27.53 39.23
C LYS B 75 -17.73 -28.56 38.47
N MET B 76 -17.18 -29.75 38.26
CA MET B 76 -17.90 -30.78 37.53
C MET B 76 -19.13 -31.23 38.33
N LYS B 77 -18.97 -31.39 39.64
CA LYS B 77 -20.08 -31.80 40.49
C LYS B 77 -21.23 -30.81 40.41
N ASP B 78 -20.91 -29.52 40.48
CA ASP B 78 -21.92 -28.48 40.42
C ASP B 78 -22.49 -28.40 39.01
N THR B 79 -23.61 -29.09 38.80
CA THR B 79 -24.28 -29.10 37.50
C THR B 79 -25.30 -27.98 37.40
N ASP B 80 -25.77 -27.52 38.56
CA ASP B 80 -26.77 -26.45 38.63
C ASP B 80 -26.38 -25.23 37.80
N SER B 81 -25.09 -24.92 37.76
CA SER B 81 -24.60 -23.77 37.03
C SER B 81 -24.38 -24.05 35.54
N GLU B 82 -24.58 -23.01 34.74
CA GLU B 82 -24.41 -23.11 33.30
C GLU B 82 -23.39 -22.06 32.87
N GLU B 83 -22.79 -21.39 33.85
CA GLU B 83 -21.79 -20.36 33.58
C GLU B 83 -20.54 -20.94 32.96
N GLU B 84 -20.32 -22.24 33.17
CA GLU B 84 -19.14 -22.87 32.59
C GLU B 84 -19.28 -22.95 31.09
N ILE B 85 -20.43 -23.44 30.63
CA ILE B 85 -20.69 -23.54 29.20
C ILE B 85 -20.61 -22.15 28.57
N ARG B 86 -21.26 -21.18 29.21
CA ARG B 86 -21.23 -19.80 28.73
C ARG B 86 -19.79 -19.35 28.61
N GLU B 87 -18.98 -19.76 29.58
CA GLU B 87 -17.57 -19.40 29.59
C GLU B 87 -16.88 -19.97 28.36
N ALA B 88 -17.20 -21.22 28.04
CA ALA B 88 -16.62 -21.88 26.89
C ALA B 88 -17.08 -21.15 25.63
N PHE B 89 -18.32 -20.68 25.65
CA PHE B 89 -18.89 -19.97 24.51
C PHE B 89 -18.09 -18.70 24.23
N ARG B 90 -17.86 -17.90 25.27
CA ARG B 90 -17.11 -16.66 25.13
C ARG B 90 -15.70 -16.88 24.59
N VAL B 91 -15.10 -18.03 24.90
CA VAL B 91 -13.77 -18.33 24.42
C VAL B 91 -13.80 -18.45 22.89
N PHE B 92 -14.88 -19.03 22.36
CA PHE B 92 -15.03 -19.19 20.91
C PHE B 92 -15.47 -17.87 20.27
N ASP B 93 -16.51 -17.26 20.83
CA ASP B 93 -17.05 -16.01 20.30
C ASP B 93 -16.09 -14.83 20.43
N LYS B 94 -15.12 -14.77 19.53
CA LYS B 94 -14.11 -13.70 19.51
C LYS B 94 -14.69 -12.29 19.51
N ASP B 95 -15.41 -11.94 18.45
CA ASP B 95 -15.99 -10.61 18.32
C ASP B 95 -17.08 -10.38 19.36
N GLY B 96 -17.61 -11.45 19.93
CA GLY B 96 -18.66 -11.32 20.92
C GLY B 96 -20.01 -10.93 20.33
N ASN B 97 -20.30 -11.40 19.12
CA ASN B 97 -21.58 -11.07 18.48
C ASN B 97 -22.66 -12.12 18.70
N GLY B 98 -22.37 -13.10 19.55
CA GLY B 98 -23.34 -14.14 19.85
C GLY B 98 -23.37 -15.28 18.86
N TYR B 99 -22.45 -15.28 17.92
CA TYR B 99 -22.38 -16.32 16.91
C TYR B 99 -20.96 -16.84 16.75
N ILE B 100 -20.81 -18.16 16.63
CA ILE B 100 -19.49 -18.75 16.45
C ILE B 100 -19.34 -19.13 14.98
N SER B 101 -18.38 -18.50 14.30
CA SER B 101 -18.13 -18.79 12.89
C SER B 101 -17.11 -19.90 12.78
N ALA B 102 -17.00 -20.48 11.58
CA ALA B 102 -16.04 -21.55 11.35
C ALA B 102 -14.63 -21.02 11.64
N ALA B 103 -14.44 -19.72 11.43
CA ALA B 103 -13.16 -19.07 11.66
C ALA B 103 -12.82 -19.04 13.14
N GLU B 104 -13.79 -18.62 13.95
CA GLU B 104 -13.58 -18.55 15.39
C GLU B 104 -13.35 -19.94 15.98
N LEU B 105 -13.95 -20.95 15.37
CA LEU B 105 -13.80 -22.31 15.86
C LEU B 105 -12.40 -22.83 15.53
N ARG B 106 -11.90 -22.48 14.34
CA ARG B 106 -10.56 -22.90 13.92
C ARG B 106 -9.51 -22.31 14.86
N HIS B 107 -9.64 -21.01 15.12
CA HIS B 107 -8.73 -20.27 15.98
C HIS B 107 -8.53 -20.97 17.33
N VAL B 108 -9.62 -21.30 18.00
CA VAL B 108 -9.57 -21.98 19.29
C VAL B 108 -8.90 -23.34 19.15
N MET B 109 -9.38 -24.13 18.19
CA MET B 109 -8.81 -25.45 17.95
C MET B 109 -7.29 -25.34 17.83
N THR B 110 -6.85 -24.41 16.98
CA THR B 110 -5.43 -24.21 16.75
C THR B 110 -4.69 -23.84 18.02
N ASN B 111 -5.22 -22.90 18.78
CA ASN B 111 -4.57 -22.46 20.01
C ASN B 111 -4.61 -23.48 21.14
N LEU B 112 -5.46 -24.50 21.01
CA LEU B 112 -5.54 -25.52 22.04
C LEU B 112 -4.74 -26.76 21.62
N GLY B 113 -3.91 -26.58 20.61
CA GLY B 113 -3.08 -27.68 20.12
C GLY B 113 -3.82 -28.77 19.38
N GLU B 114 -4.95 -28.43 18.79
CA GLU B 114 -5.74 -29.39 18.04
C GLU B 114 -5.55 -29.10 16.55
N LYS B 115 -5.29 -30.14 15.77
CA LYS B 115 -5.10 -29.96 14.33
C LYS B 115 -6.11 -30.76 13.51
N LEU B 116 -7.36 -30.27 13.48
CA LEU B 116 -8.41 -30.93 12.73
C LEU B 116 -8.42 -30.38 11.30
N THR B 117 -8.76 -31.23 10.34
CA THR B 117 -8.80 -30.81 8.94
C THR B 117 -9.98 -29.87 8.71
N ASP B 118 -9.87 -29.04 7.68
CA ASP B 118 -10.94 -28.10 7.34
C ASP B 118 -12.23 -28.87 7.06
N GLU B 119 -12.09 -30.16 6.78
CA GLU B 119 -13.23 -31.02 6.52
C GLU B 119 -13.91 -31.40 7.83
N GLU B 120 -13.15 -31.35 8.91
CA GLU B 120 -13.68 -31.68 10.24
C GLU B 120 -14.29 -30.42 10.86
N VAL B 121 -13.66 -29.27 10.61
CA VAL B 121 -14.16 -28.01 11.14
C VAL B 121 -15.54 -27.73 10.56
N ASP B 122 -15.66 -27.88 9.25
CA ASP B 122 -16.94 -27.66 8.59
C ASP B 122 -17.91 -28.74 9.06
N GLU B 123 -17.36 -29.91 9.35
CA GLU B 123 -18.16 -31.02 9.83
C GLU B 123 -18.76 -30.64 11.19
N MET B 124 -17.97 -30.01 12.05
CA MET B 124 -18.43 -29.60 13.38
C MET B 124 -19.50 -28.52 13.30
N ILE B 125 -19.22 -27.46 12.55
CA ILE B 125 -20.17 -26.37 12.39
C ILE B 125 -21.48 -26.92 11.86
N ARG B 126 -21.39 -27.58 10.70
CA ARG B 126 -22.55 -28.18 10.06
C ARG B 126 -23.44 -28.94 11.05
N GLU B 127 -22.84 -29.81 11.85
CA GLU B 127 -23.56 -30.61 12.84
C GLU B 127 -24.21 -29.78 13.94
N ALA B 128 -23.49 -28.76 14.42
CA ALA B 128 -24.01 -27.92 15.50
C ALA B 128 -24.98 -26.83 15.04
N ASP B 129 -24.88 -26.45 13.76
CA ASP B 129 -25.75 -25.41 13.21
C ASP B 129 -27.12 -25.98 12.89
N ILE B 130 -28.04 -25.88 13.84
CA ILE B 130 -29.37 -26.40 13.67
C ILE B 130 -30.26 -25.58 12.74
N ASP B 131 -30.27 -24.26 12.90
CA ASP B 131 -31.12 -23.43 12.04
C ASP B 131 -30.51 -23.13 10.67
N GLY B 132 -29.41 -23.81 10.37
CA GLY B 132 -28.75 -23.67 9.09
C GLY B 132 -28.29 -22.30 8.61
N ASP B 133 -27.87 -21.45 9.54
CA ASP B 133 -27.40 -20.12 9.15
C ASP B 133 -25.88 -20.12 8.98
N GLY B 134 -25.28 -21.31 9.03
CA GLY B 134 -23.84 -21.43 8.85
C GLY B 134 -22.99 -21.17 10.09
N GLN B 135 -23.61 -20.74 11.17
CA GLN B 135 -22.87 -20.47 12.40
C GLN B 135 -23.56 -21.08 13.62
N VAL B 136 -22.87 -21.07 14.74
CA VAL B 136 -23.38 -21.64 15.97
C VAL B 136 -23.69 -20.57 17.03
N ASN B 137 -24.97 -20.43 17.38
CA ASN B 137 -25.36 -19.46 18.39
C ASN B 137 -25.32 -20.11 19.77
N TYR B 138 -25.55 -19.33 20.82
CA TYR B 138 -25.50 -19.87 22.17
C TYR B 138 -26.39 -21.09 22.40
N GLU B 139 -27.65 -21.03 21.95
CA GLU B 139 -28.57 -22.16 22.14
C GLU B 139 -28.02 -23.40 21.45
N GLU B 140 -27.47 -23.22 20.25
CA GLU B 140 -26.91 -24.33 19.51
C GLU B 140 -25.66 -24.86 20.20
N PHE B 141 -24.84 -23.94 20.72
CA PHE B 141 -23.60 -24.32 21.40
C PHE B 141 -23.91 -25.16 22.63
N VAL B 142 -24.89 -24.72 23.42
CA VAL B 142 -25.29 -25.45 24.60
C VAL B 142 -25.63 -26.89 24.22
N GLN B 143 -26.52 -27.05 23.24
CA GLN B 143 -26.92 -28.38 22.80
C GLN B 143 -25.73 -29.22 22.37
N MET B 144 -24.85 -28.63 21.58
CA MET B 144 -23.67 -29.33 21.09
C MET B 144 -22.78 -29.78 22.26
N MET B 145 -22.71 -28.94 23.29
CA MET B 145 -21.89 -29.22 24.47
C MET B 145 -22.54 -30.13 25.51
N THR B 146 -23.86 -30.08 25.63
CA THR B 146 -24.56 -30.91 26.59
C THR B 146 -24.96 -32.24 25.94
N ALA B 147 -24.16 -32.65 24.97
CA ALA B 147 -24.38 -33.90 24.26
C ALA B 147 -23.01 -34.48 23.91
N LYS B 148 -23.00 -35.60 23.19
CA LYS B 148 -21.76 -36.25 22.80
C LYS B 148 -20.96 -35.35 21.86
N ALA C 1 10.45 -11.84 14.13
CA ALA C 1 9.78 -13.17 14.21
C ALA C 1 9.44 -13.69 12.82
N ASP C 2 9.05 -14.96 12.72
CA ASP C 2 8.68 -15.52 11.43
C ASP C 2 7.35 -14.87 11.05
N GLN C 3 6.53 -14.61 12.06
CA GLN C 3 5.25 -13.95 11.87
C GLN C 3 5.61 -12.54 11.44
N LEU C 4 6.90 -12.22 11.58
CA LEU C 4 7.44 -10.92 11.23
C LEU C 4 8.16 -11.11 9.89
N THR C 5 8.17 -10.08 9.05
CA THR C 5 8.82 -10.18 7.75
C THR C 5 10.25 -9.63 7.74
N GLU C 6 10.96 -9.93 6.66
CA GLU C 6 12.32 -9.48 6.48
C GLU C 6 12.31 -7.96 6.34
N GLU C 7 11.21 -7.43 5.81
CA GLU C 7 11.05 -5.99 5.64
C GLU C 7 10.77 -5.32 6.97
N GLN C 8 9.98 -5.99 7.80
CA GLN C 8 9.64 -5.46 9.12
C GLN C 8 10.89 -5.39 9.98
N ILE C 9 11.68 -6.46 9.97
CA ILE C 9 12.90 -6.50 10.73
C ILE C 9 13.79 -5.34 10.29
N ALA C 10 13.78 -5.06 9.00
CA ALA C 10 14.58 -3.96 8.46
C ALA C 10 14.08 -2.64 9.01
N GLU C 11 12.76 -2.50 9.11
CA GLU C 11 12.14 -1.29 9.64
C GLU C 11 12.52 -1.12 11.10
N PHE C 12 12.40 -2.21 11.85
CA PHE C 12 12.73 -2.20 13.27
C PHE C 12 14.19 -1.85 13.51
N LYS C 13 15.06 -2.40 12.66
CA LYS C 13 16.50 -2.15 12.75
C LYS C 13 16.75 -0.66 12.56
N GLU C 14 16.05 -0.07 11.60
CA GLU C 14 16.20 1.35 11.34
C GLU C 14 15.69 2.14 12.56
N ALA C 15 14.56 1.68 13.11
CA ALA C 15 13.98 2.32 14.29
C ALA C 15 14.99 2.27 15.43
N PHE C 16 15.67 1.14 15.57
CA PHE C 16 16.66 0.94 16.62
C PHE C 16 17.82 1.91 16.46
N SER C 17 18.18 2.18 15.22
CA SER C 17 19.27 3.11 14.95
C SER C 17 18.91 4.54 15.36
N LEU C 18 17.61 4.84 15.40
CA LEU C 18 17.15 6.18 15.78
C LEU C 18 17.46 6.42 17.26
N PHE C 19 17.75 5.35 17.98
CA PHE C 19 18.07 5.43 19.41
C PHE C 19 19.55 5.14 19.67
N ASP C 20 20.08 4.14 18.98
CA ASP C 20 21.49 3.76 19.10
C ASP C 20 22.30 4.72 18.24
N LYS C 21 22.47 5.94 18.74
CA LYS C 21 23.18 7.00 18.02
C LYS C 21 24.59 6.67 17.55
N ASP C 22 25.43 6.19 18.46
CA ASP C 22 26.81 5.85 18.12
C ASP C 22 26.90 4.52 17.36
N GLY C 23 25.77 3.85 17.19
CA GLY C 23 25.75 2.59 16.47
C GLY C 23 26.63 1.50 17.06
N ASP C 24 26.71 1.40 18.38
CA ASP C 24 27.53 0.37 19.01
C ASP C 24 26.69 -0.89 19.34
N GLY C 25 25.48 -0.94 18.81
CA GLY C 25 24.62 -2.10 19.02
C GLY C 25 23.82 -2.14 20.30
N THR C 26 23.86 -1.08 21.10
CA THR C 26 23.11 -1.05 22.34
C THR C 26 22.52 0.33 22.62
N ILE C 27 21.38 0.36 23.29
CA ILE C 27 20.74 1.62 23.64
C ILE C 27 20.93 1.84 25.13
N THR C 28 21.55 2.96 25.50
CA THR C 28 21.79 3.28 26.90
C THR C 28 20.75 4.28 27.36
N THR C 29 20.71 4.51 28.68
CA THR C 29 19.76 5.47 29.23
C THR C 29 20.07 6.85 28.66
N LYS C 30 21.36 7.13 28.44
CA LYS C 30 21.78 8.41 27.90
C LYS C 30 21.22 8.62 26.51
N GLU C 31 21.37 7.62 25.64
CA GLU C 31 20.87 7.75 24.28
C GLU C 31 19.36 7.90 24.30
N LEU C 32 18.72 7.19 25.22
CA LEU C 32 17.27 7.24 25.35
C LEU C 32 16.84 8.65 25.78
N GLY C 33 17.53 9.20 26.77
CA GLY C 33 17.22 10.53 27.24
C GLY C 33 17.39 11.58 26.15
N THR C 34 18.42 11.40 25.32
CA THR C 34 18.69 12.36 24.25
C THR C 34 17.53 12.41 23.25
N VAL C 35 16.95 11.25 22.97
CA VAL C 35 15.84 11.20 22.04
C VAL C 35 14.58 11.75 22.71
N MET C 36 14.36 11.35 23.97
CA MET C 36 13.18 11.82 24.69
C MET C 36 13.17 13.35 24.81
N ARG C 37 14.33 13.95 25.06
CA ARG C 37 14.38 15.40 25.16
C ARG C 37 14.14 16.06 23.81
N SER C 38 14.55 15.39 22.74
CA SER C 38 14.36 15.95 21.40
C SER C 38 12.87 15.93 21.08
N LEU C 39 12.15 15.03 21.75
CA LEU C 39 10.71 14.88 21.55
C LEU C 39 9.91 15.75 22.53
N GLY C 40 10.60 16.64 23.25
CA GLY C 40 9.92 17.52 24.18
C GLY C 40 9.60 16.93 25.55
N GLN C 41 10.27 15.83 25.89
CA GLN C 41 10.03 15.21 27.18
C GLN C 41 11.24 15.43 28.06
N ASN C 42 11.02 15.37 29.36
CA ASN C 42 12.09 15.55 30.33
C ASN C 42 12.01 14.43 31.34
N PRO C 43 12.65 13.30 31.03
CA PRO C 43 12.64 12.14 31.93
C PRO C 43 13.71 12.25 32.99
N THR C 44 13.42 11.73 34.17
CA THR C 44 14.40 11.75 35.25
C THR C 44 15.28 10.51 35.03
N GLU C 45 16.52 10.55 35.54
CA GLU C 45 17.43 9.42 35.37
C GLU C 45 16.75 8.10 35.74
N ALA C 46 15.86 8.18 36.74
CA ALA C 46 15.14 7.01 37.21
C ALA C 46 14.16 6.49 36.17
N GLU C 47 13.36 7.38 35.59
CA GLU C 47 12.39 7.00 34.58
C GLU C 47 13.04 6.34 33.38
N LEU C 48 14.27 6.76 33.08
CA LEU C 48 14.99 6.19 31.95
C LEU C 48 15.38 4.75 32.27
N GLN C 49 15.86 4.52 33.49
CA GLN C 49 16.25 3.17 33.93
C GLN C 49 15.04 2.27 33.87
N ASP C 50 13.92 2.77 34.38
CA ASP C 50 12.66 2.02 34.39
C ASP C 50 12.26 1.62 32.98
N MET C 51 12.50 2.51 32.02
CA MET C 51 12.16 2.24 30.62
C MET C 51 13.07 1.12 30.10
N ILE C 52 14.35 1.20 30.40
CA ILE C 52 15.31 0.19 29.97
C ILE C 52 14.90 -1.17 30.56
N ASN C 53 14.63 -1.20 31.86
CA ASN C 53 14.23 -2.43 32.55
C ASN C 53 13.04 -3.11 31.92
N GLU C 54 12.17 -2.34 31.27
CA GLU C 54 10.98 -2.89 30.62
C GLU C 54 11.30 -3.97 29.58
N VAL C 55 12.43 -3.80 28.89
CA VAL C 55 12.81 -4.72 27.82
C VAL C 55 14.20 -5.33 27.93
N ASP C 56 14.94 -4.97 28.97
CA ASP C 56 16.29 -5.49 29.17
C ASP C 56 16.23 -6.91 29.70
N ALA C 57 15.93 -7.85 28.82
CA ALA C 57 15.81 -9.26 29.19
C ALA C 57 17.02 -9.92 29.83
N ASP C 58 18.25 -9.56 29.45
CA ASP C 58 19.40 -10.21 30.08
C ASP C 58 19.89 -9.44 31.31
N GLY C 59 19.19 -8.36 31.64
CA GLY C 59 19.51 -7.54 32.80
C GLY C 59 20.88 -6.90 32.85
N ASN C 60 21.48 -6.62 31.70
CA ASN C 60 22.81 -6.01 31.71
C ASN C 60 22.76 -4.49 31.76
N GLY C 61 21.56 -3.92 31.87
CA GLY C 61 21.42 -2.47 31.95
C GLY C 61 21.18 -1.69 30.67
N THR C 62 21.43 -2.30 29.51
CA THR C 62 21.21 -1.62 28.24
C THR C 62 20.32 -2.47 27.33
N ILE C 63 19.84 -1.88 26.23
CA ILE C 63 18.97 -2.61 25.31
C ILE C 63 19.68 -2.96 24.00
N ASP C 64 19.77 -4.23 23.66
CA ASP C 64 20.41 -4.60 22.39
C ASP C 64 19.32 -4.83 21.35
N PHE C 65 19.69 -5.09 20.09
CA PHE C 65 18.64 -5.26 19.08
C PHE C 65 17.69 -6.43 19.33
N PRO C 66 18.20 -7.61 19.71
CA PRO C 66 17.28 -8.73 19.95
C PRO C 66 16.19 -8.38 20.97
N GLU C 67 16.58 -7.69 22.04
CA GLU C 67 15.64 -7.27 23.07
C GLU C 67 14.66 -6.26 22.48
N PHE C 68 15.20 -5.33 21.69
CA PHE C 68 14.38 -4.30 21.05
C PHE C 68 13.36 -5.00 20.13
N LEU C 69 13.85 -5.92 19.30
CA LEU C 69 13.01 -6.67 18.38
C LEU C 69 11.94 -7.48 19.09
N THR C 70 12.29 -8.10 20.22
CA THR C 70 11.32 -8.90 20.97
C THR C 70 10.14 -8.02 21.37
N MET C 71 10.43 -6.82 21.84
CA MET C 71 9.38 -5.91 22.27
C MET C 71 8.54 -5.44 21.07
N MET C 72 9.20 -5.01 19.99
CA MET C 72 8.50 -4.54 18.80
C MET C 72 7.61 -5.62 18.15
N ALA C 73 8.15 -6.82 17.99
CA ALA C 73 7.37 -7.91 17.40
C ALA C 73 6.12 -8.14 18.23
N ARG C 74 6.28 -8.05 19.54
CA ARG C 74 5.18 -8.24 20.48
C ARG C 74 4.15 -7.11 20.45
N LYS C 75 4.63 -5.88 20.56
CA LYS C 75 3.77 -4.69 20.58
C LYS C 75 3.19 -4.30 19.24
N MET C 76 3.93 -4.53 18.16
CA MET C 76 3.45 -4.17 16.83
C MET C 76 2.50 -5.25 16.34
N LYS C 77 1.22 -5.09 16.64
CA LYS C 77 0.20 -6.05 16.22
C LYS C 77 -0.26 -5.80 14.80
N ASP C 78 -0.19 -6.85 13.97
CA ASP C 78 -0.59 -6.75 12.57
C ASP C 78 -2.11 -6.87 12.43
N THR C 79 -2.77 -5.75 12.17
CA THR C 79 -4.21 -5.72 11.99
C THR C 79 -4.61 -6.35 10.66
N ASP C 80 -4.52 -7.67 10.59
CA ASP C 80 -4.86 -8.39 9.36
C ASP C 80 -6.16 -9.19 9.53
N SER C 81 -6.47 -9.54 10.76
CA SER C 81 -7.68 -10.30 11.06
C SER C 81 -8.93 -9.58 10.55
N GLU C 82 -9.80 -10.33 9.90
CA GLU C 82 -11.04 -9.78 9.36
C GLU C 82 -11.76 -9.00 10.45
N GLU C 83 -11.60 -9.45 11.70
CA GLU C 83 -12.23 -8.80 12.84
C GLU C 83 -11.58 -7.45 13.13
N GLU C 84 -10.26 -7.41 13.01
CA GLU C 84 -9.49 -6.20 13.27
C GLU C 84 -9.76 -5.13 12.22
N ILE C 85 -9.85 -5.54 10.96
CA ILE C 85 -10.10 -4.62 9.87
C ILE C 85 -11.49 -4.01 10.03
N ARG C 86 -12.47 -4.85 10.34
CA ARG C 86 -13.85 -4.41 10.54
C ARG C 86 -13.89 -3.27 11.55
N GLU C 87 -13.40 -3.54 12.76
CA GLU C 87 -13.39 -2.53 13.81
C GLU C 87 -12.60 -1.30 13.40
N ALA C 88 -11.52 -1.51 12.63
CA ALA C 88 -10.70 -0.40 12.17
C ALA C 88 -11.56 0.48 11.27
N PHE C 89 -12.28 -0.14 10.36
CA PHE C 89 -13.15 0.58 9.43
C PHE C 89 -14.17 1.43 10.18
N ARG C 90 -14.90 0.81 11.11
CA ARG C 90 -15.92 1.50 11.90
C ARG C 90 -15.42 2.82 12.46
N VAL C 91 -14.21 2.82 13.01
CA VAL C 91 -13.64 4.03 13.58
C VAL C 91 -13.49 5.10 12.50
N PHE C 92 -12.83 4.76 11.40
CA PHE C 92 -12.63 5.71 10.31
C PHE C 92 -13.97 6.23 9.79
N ASP C 93 -14.90 5.30 9.56
CA ASP C 93 -16.23 5.64 9.07
C ASP C 93 -17.10 6.16 10.22
N LYS C 94 -16.85 7.41 10.60
CA LYS C 94 -17.57 8.09 11.68
C LYS C 94 -19.09 7.89 11.73
N ASP C 95 -19.78 8.26 10.66
CA ASP C 95 -21.24 8.15 10.59
C ASP C 95 -21.72 6.75 10.25
N GLY C 96 -20.79 5.82 10.08
CA GLY C 96 -21.15 4.46 9.74
C GLY C 96 -22.01 4.29 8.51
N ASN C 97 -21.85 5.16 7.52
CA ASN C 97 -22.63 5.07 6.29
C ASN C 97 -21.97 4.12 5.27
N GLY C 98 -20.92 3.42 5.71
CA GLY C 98 -20.23 2.48 4.85
C GLY C 98 -19.12 3.04 3.98
N TYR C 99 -18.88 4.35 4.10
CA TYR C 99 -17.85 5.01 3.31
C TYR C 99 -16.97 5.89 4.18
N ILE C 100 -15.68 5.92 3.86
CA ILE C 100 -14.77 6.78 4.59
C ILE C 100 -14.60 8.00 3.69
N SER C 101 -15.06 9.15 4.16
CA SER C 101 -14.94 10.37 3.39
C SER C 101 -13.63 11.05 3.76
N ALA C 102 -13.19 11.97 2.91
CA ALA C 102 -11.96 12.71 3.17
C ALA C 102 -12.16 13.46 4.50
N ALA C 103 -13.37 13.98 4.70
CA ALA C 103 -13.69 14.71 5.92
C ALA C 103 -13.49 13.87 7.17
N GLU C 104 -13.97 12.63 7.13
CA GLU C 104 -13.84 11.73 8.26
C GLU C 104 -12.39 11.35 8.54
N LEU C 105 -11.68 10.94 7.49
CA LEU C 105 -10.28 10.59 7.66
C LEU C 105 -9.53 11.78 8.24
N ARG C 106 -9.91 12.97 7.77
CA ARG C 106 -9.31 14.21 8.21
C ARG C 106 -9.38 14.37 9.74
N HIS C 107 -10.58 14.24 10.29
CA HIS C 107 -10.78 14.37 11.74
C HIS C 107 -9.92 13.35 12.45
N VAL C 108 -10.08 12.09 12.04
CA VAL C 108 -9.34 10.97 12.60
C VAL C 108 -7.85 11.24 12.72
N MET C 109 -7.24 11.74 11.65
CA MET C 109 -5.81 12.03 11.65
C MET C 109 -5.45 13.19 12.58
N THR C 110 -6.25 14.26 12.54
CA THR C 110 -6.00 15.43 13.37
C THR C 110 -6.19 15.13 14.85
N ASN C 111 -7.11 14.22 15.16
CA ASN C 111 -7.39 13.82 16.54
C ASN C 111 -6.25 12.98 17.10
N LEU C 112 -5.79 12.01 16.30
CA LEU C 112 -4.71 11.12 16.71
C LEU C 112 -3.39 11.85 16.90
N GLY C 113 -3.37 13.14 16.59
CA GLY C 113 -2.16 13.93 16.74
C GLY C 113 -1.26 13.73 15.53
N GLU C 114 -1.82 13.15 14.47
CA GLU C 114 -1.09 12.89 13.24
C GLU C 114 -0.90 14.22 12.51
N LYS C 115 0.29 14.43 11.95
CA LYS C 115 0.59 15.66 11.22
C LYS C 115 0.51 15.48 9.71
N LEU C 116 -0.69 15.62 9.16
CA LEU C 116 -0.90 15.49 7.72
C LEU C 116 -1.67 16.66 7.14
N THR C 117 -1.14 17.24 6.06
CA THR C 117 -1.79 18.36 5.41
C THR C 117 -3.04 17.83 4.73
N ASP C 118 -4.07 18.66 4.66
CA ASP C 118 -5.32 18.26 4.03
C ASP C 118 -5.04 17.65 2.67
N GLU C 119 -3.94 18.06 2.05
CA GLU C 119 -3.56 17.53 0.73
C GLU C 119 -3.08 16.08 0.83
N GLU C 120 -2.33 15.78 1.89
CA GLU C 120 -1.82 14.42 2.07
C GLU C 120 -3.00 13.51 2.39
N VAL C 121 -3.99 14.05 3.08
CA VAL C 121 -5.18 13.29 3.43
C VAL C 121 -5.92 12.90 2.14
N ASP C 122 -6.15 13.90 1.28
CA ASP C 122 -6.83 13.63 0.01
C ASP C 122 -6.06 12.59 -0.77
N GLU C 123 -4.74 12.61 -0.61
CA GLU C 123 -3.84 11.67 -1.29
C GLU C 123 -4.10 10.24 -0.76
N MET C 124 -4.37 10.14 0.54
CA MET C 124 -4.65 8.85 1.16
C MET C 124 -5.95 8.27 0.62
N ILE C 125 -6.94 9.14 0.48
CA ILE C 125 -8.24 8.74 -0.04
C ILE C 125 -8.09 8.28 -1.50
N ARG C 126 -7.51 9.14 -2.32
CA ARG C 126 -7.33 8.87 -3.74
C ARG C 126 -6.60 7.55 -3.97
N GLU C 127 -5.61 7.27 -3.13
CA GLU C 127 -4.83 6.04 -3.27
C GLU C 127 -5.63 4.80 -2.87
N ALA C 128 -6.59 4.98 -1.96
CA ALA C 128 -7.40 3.87 -1.49
C ALA C 128 -8.68 3.68 -2.32
N ASP C 129 -9.14 4.76 -2.94
CA ASP C 129 -10.36 4.75 -3.75
C ASP C 129 -10.25 4.00 -5.08
N ILE C 130 -10.26 2.68 -5.00
CA ILE C 130 -10.16 1.80 -6.17
C ILE C 130 -11.09 2.16 -7.34
N ASP C 131 -12.40 2.19 -7.10
CA ASP C 131 -13.34 2.50 -8.17
C ASP C 131 -13.44 3.98 -8.53
N GLY C 132 -12.73 4.82 -7.79
CA GLY C 132 -12.72 6.25 -8.07
C GLY C 132 -14.00 7.05 -7.86
N ASP C 133 -14.89 6.60 -6.99
CA ASP C 133 -16.13 7.34 -6.74
C ASP C 133 -15.93 8.53 -5.79
N GLY C 134 -14.70 8.69 -5.29
CA GLY C 134 -14.41 9.80 -4.40
C GLY C 134 -14.40 9.50 -2.91
N GLN C 135 -14.56 8.23 -2.55
CA GLN C 135 -14.55 7.83 -1.14
C GLN C 135 -14.08 6.39 -1.01
N VAL C 136 -13.89 5.93 0.22
CA VAL C 136 -13.40 4.59 0.48
C VAL C 136 -14.41 3.64 1.14
N ASN C 137 -14.82 2.59 0.44
CA ASN C 137 -15.77 1.62 0.99
C ASN C 137 -15.02 0.55 1.79
N TYR C 138 -15.76 -0.41 2.33
CA TYR C 138 -15.16 -1.48 3.12
C TYR C 138 -14.21 -2.36 2.31
N GLU C 139 -14.64 -2.77 1.12
CA GLU C 139 -13.82 -3.63 0.30
C GLU C 139 -12.49 -2.95 -0.06
N GLU C 140 -12.56 -1.68 -0.46
CA GLU C 140 -11.35 -0.95 -0.82
C GLU C 140 -10.45 -0.85 0.41
N PHE C 141 -11.04 -0.61 1.57
CA PHE C 141 -10.29 -0.53 2.81
C PHE C 141 -9.60 -1.86 3.05
N VAL C 142 -10.32 -2.95 2.74
CA VAL C 142 -9.76 -4.29 2.91
C VAL C 142 -8.52 -4.43 2.05
N GLN C 143 -8.64 -4.03 0.79
CA GLN C 143 -7.52 -4.09 -0.14
C GLN C 143 -6.34 -3.26 0.36
N MET C 144 -6.63 -2.12 0.97
CA MET C 144 -5.57 -1.25 1.47
C MET C 144 -4.87 -1.85 2.69
N MET C 145 -5.62 -2.52 3.54
CA MET C 145 -5.07 -3.14 4.74
C MET C 145 -4.26 -4.39 4.42
N THR C 146 -4.63 -5.08 3.34
CA THR C 146 -3.94 -6.30 2.95
C THR C 146 -3.47 -6.23 1.51
N ALA C 147 -2.26 -5.72 1.31
CA ALA C 147 -1.71 -5.61 -0.04
C ALA C 147 -0.19 -5.85 -0.03
N LYS C 148 0.46 -5.42 -1.10
CA LYS C 148 1.91 -5.57 -1.23
C LYS C 148 2.60 -5.13 0.05
N GLN D 3 24.54 28.48 -14.42
CA GLN D 3 23.28 28.18 -15.16
C GLN D 3 22.90 26.72 -14.95
N LEU D 4 23.91 25.84 -15.02
CA LEU D 4 23.70 24.41 -14.83
C LEU D 4 23.58 24.18 -13.33
N THR D 5 22.49 23.56 -12.90
CA THR D 5 22.28 23.29 -11.47
C THR D 5 23.07 22.08 -11.00
N GLU D 6 23.13 21.90 -9.68
CA GLU D 6 23.82 20.77 -9.07
C GLU D 6 23.16 19.48 -9.56
N GLU D 7 21.84 19.51 -9.64
CA GLU D 7 21.08 18.34 -10.09
C GLU D 7 21.41 17.97 -11.52
N GLN D 8 21.48 18.97 -12.39
CA GLN D 8 21.80 18.74 -13.80
C GLN D 8 23.20 18.16 -13.96
N ILE D 9 24.18 18.75 -13.28
CA ILE D 9 25.53 18.24 -13.38
C ILE D 9 25.56 16.79 -12.91
N ALA D 10 24.90 16.50 -11.79
CA ALA D 10 24.87 15.14 -11.26
C ALA D 10 24.24 14.19 -12.28
N GLU D 11 23.13 14.63 -12.86
CA GLU D 11 22.42 13.82 -13.86
C GLU D 11 23.32 13.49 -15.05
N PHE D 12 23.95 14.51 -15.59
CA PHE D 12 24.83 14.36 -16.75
C PHE D 12 26.05 13.52 -16.43
N LYS D 13 26.51 13.59 -15.18
CA LYS D 13 27.66 12.80 -14.77
C LYS D 13 27.26 11.32 -14.78
N GLU D 14 26.06 11.03 -14.28
CA GLU D 14 25.60 9.65 -14.26
C GLU D 14 25.47 9.15 -15.69
N ALA D 15 24.92 10.00 -16.56
CA ALA D 15 24.75 9.63 -17.96
C ALA D 15 26.11 9.36 -18.58
N PHE D 16 27.09 10.21 -18.27
CA PHE D 16 28.43 10.01 -18.80
C PHE D 16 28.97 8.66 -18.35
N SER D 17 28.81 8.35 -17.07
CA SER D 17 29.27 7.09 -16.50
C SER D 17 28.66 5.88 -17.21
N LEU D 18 27.35 5.93 -17.43
CA LEU D 18 26.66 4.84 -18.10
C LEU D 18 27.31 4.58 -19.45
N PHE D 19 27.60 5.64 -20.20
CA PHE D 19 28.22 5.49 -21.52
C PHE D 19 29.66 5.01 -21.40
N ASP D 20 30.37 5.50 -20.39
CA ASP D 20 31.75 5.08 -20.13
C ASP D 20 31.66 3.70 -19.50
N LYS D 21 31.42 2.68 -20.33
CA LYS D 21 31.28 1.30 -19.86
C LYS D 21 32.41 0.78 -18.96
N ASP D 22 33.65 0.87 -19.44
CA ASP D 22 34.79 0.39 -18.65
C ASP D 22 35.15 1.35 -17.52
N GLY D 23 34.51 2.52 -17.51
CA GLY D 23 34.76 3.50 -16.48
C GLY D 23 36.17 4.05 -16.41
N ASP D 24 36.81 4.22 -17.56
CA ASP D 24 38.17 4.75 -17.60
C ASP D 24 38.18 6.27 -17.79
N GLY D 25 37.03 6.89 -17.57
CA GLY D 25 36.95 8.34 -17.69
C GLY D 25 36.79 8.90 -19.09
N THR D 26 36.73 8.04 -20.11
CA THR D 26 36.56 8.52 -21.47
C THR D 26 35.58 7.64 -22.24
N ILE D 27 34.86 8.24 -23.18
CA ILE D 27 33.91 7.52 -24.00
C ILE D 27 34.50 7.31 -25.39
N THR D 28 34.53 6.06 -25.82
CA THR D 28 35.06 5.69 -27.12
C THR D 28 33.91 5.43 -28.09
N THR D 29 34.22 5.32 -29.38
CA THR D 29 33.21 5.05 -30.39
C THR D 29 32.58 3.69 -30.13
N LYS D 30 33.38 2.77 -29.60
CA LYS D 30 32.88 1.43 -29.31
C LYS D 30 31.88 1.42 -28.15
N GLU D 31 32.19 2.15 -27.08
CA GLU D 31 31.28 2.21 -25.94
C GLU D 31 29.99 2.90 -26.37
N LEU D 32 30.13 3.80 -27.34
CA LEU D 32 29.00 4.52 -27.89
C LEU D 32 28.15 3.52 -28.69
N GLY D 33 28.83 2.64 -29.41
CA GLY D 33 28.14 1.65 -30.20
C GLY D 33 27.35 0.68 -29.33
N THR D 34 27.95 0.30 -28.21
CA THR D 34 27.32 -0.61 -27.26
C THR D 34 26.03 -0.02 -26.72
N VAL D 35 26.09 1.24 -26.31
CA VAL D 35 24.92 1.91 -25.78
C VAL D 35 23.82 1.98 -26.83
N MET D 36 24.19 2.40 -28.04
CA MET D 36 23.21 2.51 -29.10
C MET D 36 22.57 1.17 -29.48
N ARG D 37 23.37 0.11 -29.51
CA ARG D 37 22.80 -1.20 -29.86
C ARG D 37 21.90 -1.69 -28.73
N SER D 38 22.21 -1.32 -27.49
CA SER D 38 21.39 -1.71 -26.34
C SER D 38 20.02 -1.02 -26.49
N LEU D 39 20.01 0.11 -27.19
CA LEU D 39 18.78 0.85 -27.41
C LEU D 39 18.10 0.36 -28.70
N GLY D 40 18.65 -0.69 -29.29
CA GLY D 40 18.06 -1.25 -30.50
C GLY D 40 18.48 -0.62 -31.81
N GLN D 41 19.40 0.34 -31.75
CA GLN D 41 19.88 1.02 -32.94
C GLN D 41 21.00 0.23 -33.60
N ASN D 42 21.31 0.58 -34.83
CA ASN D 42 22.37 -0.09 -35.59
C ASN D 42 23.20 0.98 -36.31
N PRO D 43 24.05 1.69 -35.56
CA PRO D 43 24.90 2.74 -36.11
C PRO D 43 26.08 2.22 -36.92
N THR D 44 26.54 3.05 -37.87
CA THR D 44 27.69 2.70 -38.71
C THR D 44 28.91 3.29 -38.02
N GLU D 45 30.11 2.90 -38.47
CA GLU D 45 31.33 3.43 -37.86
C GLU D 45 31.45 4.93 -38.14
N ALA D 46 30.94 5.34 -39.30
CA ALA D 46 30.99 6.75 -39.69
C ALA D 46 30.13 7.59 -38.74
N GLU D 47 28.93 7.09 -38.44
CA GLU D 47 28.01 7.80 -37.56
C GLU D 47 28.59 7.93 -36.16
N LEU D 48 29.22 6.86 -35.67
CA LEU D 48 29.82 6.89 -34.33
C LEU D 48 30.94 7.92 -34.32
N GLN D 49 31.72 7.95 -35.39
CA GLN D 49 32.82 8.91 -35.52
C GLN D 49 32.31 10.34 -35.45
N ASP D 50 31.18 10.59 -36.11
CA ASP D 50 30.59 11.93 -36.12
C ASP D 50 30.21 12.39 -34.72
N MET D 51 29.67 11.48 -33.91
CA MET D 51 29.27 11.81 -32.55
C MET D 51 30.48 12.31 -31.77
N ILE D 52 31.57 11.57 -31.87
CA ILE D 52 32.80 11.94 -31.16
C ILE D 52 33.30 13.30 -31.63
N ASN D 53 33.26 13.54 -32.94
CA ASN D 53 33.72 14.81 -33.49
C ASN D 53 32.90 16.01 -33.07
N GLU D 54 31.60 15.81 -32.85
CA GLU D 54 30.72 16.89 -32.46
C GLU D 54 31.12 17.49 -31.11
N VAL D 55 31.74 16.67 -30.26
CA VAL D 55 32.10 17.13 -28.92
C VAL D 55 33.56 16.95 -28.51
N ASP D 56 34.38 16.43 -29.42
CA ASP D 56 35.79 16.23 -29.09
C ASP D 56 36.54 17.55 -29.27
N ALA D 57 36.64 18.32 -28.20
CA ALA D 57 37.29 19.62 -28.22
C ALA D 57 38.82 19.57 -28.35
N ASP D 58 39.44 18.59 -27.71
CA ASP D 58 40.90 18.46 -27.77
C ASP D 58 41.35 17.51 -28.87
N GLY D 59 40.40 17.03 -29.66
CA GLY D 59 40.70 16.13 -30.76
C GLY D 59 41.47 14.86 -30.45
N ASN D 60 41.53 14.47 -29.18
CA ASN D 60 42.26 13.27 -28.79
C ASN D 60 41.56 11.98 -29.23
N GLY D 61 40.39 12.11 -29.84
CA GLY D 61 39.67 10.95 -30.32
C GLY D 61 38.54 10.41 -29.44
N THR D 62 38.59 10.69 -28.14
CA THR D 62 37.55 10.21 -27.24
C THR D 62 36.84 11.37 -26.55
N ILE D 63 35.92 11.06 -25.65
CA ILE D 63 35.17 12.08 -24.94
C ILE D 63 35.30 11.97 -23.43
N ASP D 64 35.77 13.04 -22.78
CA ASP D 64 35.90 13.03 -21.32
C ASP D 64 34.69 13.76 -20.77
N PHE D 65 34.54 13.77 -19.45
CA PHE D 65 33.39 14.44 -18.85
C PHE D 65 33.31 15.93 -19.19
N PRO D 66 34.42 16.68 -18.98
CA PRO D 66 34.39 18.12 -19.29
C PRO D 66 33.81 18.43 -20.67
N GLU D 67 34.20 17.63 -21.66
CA GLU D 67 33.68 17.81 -23.02
C GLU D 67 32.20 17.44 -23.09
N PHE D 68 31.84 16.36 -22.40
CA PHE D 68 30.45 15.89 -22.36
C PHE D 68 29.59 16.98 -21.72
N LEU D 69 30.07 17.52 -20.60
CA LEU D 69 29.37 18.56 -19.86
C LEU D 69 29.23 19.85 -20.66
N THR D 70 30.29 20.20 -21.38
CA THR D 70 30.28 21.41 -22.20
C THR D 70 29.15 21.32 -23.22
N MET D 71 29.05 20.15 -23.86
CA MET D 71 28.00 19.96 -24.85
C MET D 71 26.61 20.02 -24.21
N MET D 72 26.46 19.33 -23.07
CA MET D 72 25.18 19.31 -22.38
C MET D 72 24.77 20.68 -21.86
N ALA D 73 25.69 21.40 -21.24
CA ALA D 73 25.40 22.73 -20.71
C ALA D 73 24.85 23.62 -21.81
N ARG D 74 25.46 23.54 -22.97
CA ARG D 74 25.05 24.35 -24.12
C ARG D 74 23.73 23.90 -24.75
N LYS D 75 23.60 22.61 -25.01
CA LYS D 75 22.41 22.08 -25.66
C LYS D 75 21.18 22.01 -24.77
N MET D 76 21.38 21.74 -23.49
CA MET D 76 20.27 21.62 -22.55
C MET D 76 19.96 22.95 -21.87
N LYS D 77 20.15 24.05 -22.60
CA LYS D 77 19.88 25.36 -22.02
C LYS D 77 18.40 25.55 -21.70
N ASP D 78 18.14 26.20 -20.59
CA ASP D 78 16.79 26.46 -20.12
C ASP D 78 15.98 27.27 -21.13
N THR D 79 14.75 26.83 -21.38
CA THR D 79 13.86 27.51 -22.31
C THR D 79 12.80 28.23 -21.49
N ASP D 80 13.21 29.28 -20.78
CA ASP D 80 12.29 30.00 -19.91
C ASP D 80 12.13 31.51 -20.17
N SER D 81 12.44 31.97 -21.37
CA SER D 81 12.28 33.40 -21.67
C SER D 81 10.78 33.62 -21.79
N GLU D 82 10.32 34.85 -21.58
CA GLU D 82 8.88 35.13 -21.66
C GLU D 82 8.30 34.69 -22.99
N GLU D 83 9.03 34.95 -24.07
CA GLU D 83 8.56 34.60 -25.40
C GLU D 83 8.53 33.10 -25.65
N GLU D 84 9.50 32.38 -25.11
CA GLU D 84 9.55 30.93 -25.27
C GLU D 84 8.38 30.27 -24.53
N ILE D 85 8.13 30.74 -23.32
CA ILE D 85 7.05 30.21 -22.50
C ILE D 85 5.71 30.49 -23.19
N ARG D 86 5.56 31.71 -23.69
CA ARG D 86 4.34 32.12 -24.37
C ARG D 86 4.06 31.20 -25.54
N GLU D 87 5.12 30.87 -26.29
CA GLU D 87 4.98 30.00 -27.45
C GLU D 87 4.61 28.58 -27.05
N ALA D 88 5.32 28.03 -26.08
CA ALA D 88 5.04 26.68 -25.62
C ALA D 88 3.59 26.58 -25.17
N PHE D 89 3.09 27.60 -24.47
CA PHE D 89 1.71 27.61 -23.99
C PHE D 89 0.71 27.64 -25.14
N ARG D 90 1.02 28.41 -26.19
CA ARG D 90 0.13 28.52 -27.34
C ARG D 90 -0.09 27.14 -27.97
N VAL D 91 0.98 26.36 -28.09
CA VAL D 91 0.91 25.03 -28.68
C VAL D 91 0.33 23.98 -27.75
N PHE D 92 0.74 23.97 -26.49
CA PHE D 92 0.19 23.00 -25.54
C PHE D 92 -1.33 23.14 -25.56
N ASP D 93 -1.79 24.38 -25.46
CA ASP D 93 -3.22 24.67 -25.47
C ASP D 93 -3.69 24.63 -26.92
N LYS D 94 -3.77 23.41 -27.44
CA LYS D 94 -4.19 23.14 -28.81
C LYS D 94 -5.41 23.90 -29.30
N ASP D 95 -6.52 23.86 -28.55
CA ASP D 95 -7.72 24.56 -28.98
C ASP D 95 -7.69 26.05 -28.68
N GLY D 96 -6.59 26.51 -28.08
CA GLY D 96 -6.44 27.92 -27.75
C GLY D 96 -7.50 28.52 -26.85
N ASN D 97 -8.05 27.71 -25.96
CA ASN D 97 -9.10 28.21 -25.06
C ASN D 97 -8.53 28.72 -23.74
N GLY D 98 -7.21 28.72 -23.62
CA GLY D 98 -6.57 29.20 -22.41
C GLY D 98 -6.36 28.15 -21.34
N TYR D 99 -6.62 26.88 -21.67
CA TYR D 99 -6.45 25.82 -20.69
C TYR D 99 -5.85 24.57 -21.31
N ILE D 100 -4.76 24.10 -20.73
CA ILE D 100 -4.13 22.88 -21.23
C ILE D 100 -4.85 21.75 -20.52
N SER D 101 -5.48 20.87 -21.29
CA SER D 101 -6.20 19.74 -20.74
C SER D 101 -5.33 18.49 -20.77
N ALA D 102 -5.81 17.41 -20.16
CA ALA D 102 -5.06 16.16 -20.16
C ALA D 102 -4.98 15.67 -21.60
N ALA D 103 -6.11 15.69 -22.30
CA ALA D 103 -6.14 15.25 -23.69
C ALA D 103 -5.14 16.02 -24.52
N GLU D 104 -5.09 17.35 -24.33
CA GLU D 104 -4.14 18.17 -25.08
C GLU D 104 -2.70 17.76 -24.77
N LEU D 105 -2.37 17.61 -23.49
CA LEU D 105 -1.02 17.21 -23.09
C LEU D 105 -0.76 15.79 -23.58
N ARG D 106 -1.72 14.91 -23.35
CA ARG D 106 -1.62 13.52 -23.75
C ARG D 106 -1.41 13.41 -25.25
N HIS D 107 -1.81 14.46 -25.97
CA HIS D 107 -1.66 14.51 -27.42
C HIS D 107 -0.23 14.90 -27.75
N VAL D 108 0.27 15.94 -27.08
CA VAL D 108 1.64 16.42 -27.30
C VAL D 108 2.66 15.32 -27.01
N MET D 109 2.36 14.47 -26.03
CA MET D 109 3.27 13.40 -25.65
C MET D 109 3.42 12.35 -26.75
N THR D 110 2.59 12.45 -27.79
CA THR D 110 2.65 11.51 -28.91
C THR D 110 3.42 12.17 -30.05
N ASN D 111 3.07 13.41 -30.36
CA ASN D 111 3.73 14.16 -31.43
C ASN D 111 5.21 14.35 -31.10
N LEU D 112 5.61 13.92 -29.92
CA LEU D 112 6.99 14.02 -29.47
C LEU D 112 7.47 12.62 -29.08
N GLY D 113 6.58 11.65 -29.22
CA GLY D 113 6.92 10.27 -28.87
C GLY D 113 7.21 10.15 -27.39
N GLU D 114 6.96 11.23 -26.66
CA GLU D 114 7.19 11.30 -25.23
C GLU D 114 6.13 10.47 -24.49
N LYS D 115 5.77 9.34 -25.07
CA LYS D 115 4.75 8.45 -24.50
C LYS D 115 4.76 8.22 -22.99
N LEU D 116 3.61 8.49 -22.37
CA LEU D 116 3.40 8.28 -20.94
C LEU D 116 2.02 7.65 -20.82
N THR D 117 1.75 6.99 -19.70
CA THR D 117 0.45 6.37 -19.51
C THR D 117 -0.58 7.48 -19.26
N ASP D 118 -1.84 7.17 -19.47
CA ASP D 118 -2.89 8.15 -19.25
C ASP D 118 -2.86 8.67 -17.82
N GLU D 119 -2.58 7.78 -16.87
CA GLU D 119 -2.53 8.19 -15.47
C GLU D 119 -1.35 9.11 -15.14
N GLU D 120 -0.26 8.98 -15.89
CA GLU D 120 0.89 9.83 -15.63
C GLU D 120 0.60 11.22 -16.20
N VAL D 121 -0.01 11.26 -17.38
CA VAL D 121 -0.37 12.54 -17.99
C VAL D 121 -1.28 13.29 -17.02
N ASP D 122 -2.29 12.59 -16.48
CA ASP D 122 -3.22 13.22 -15.53
C ASP D 122 -2.46 13.78 -14.32
N GLU D 123 -1.40 13.08 -13.93
CA GLU D 123 -0.59 13.49 -12.79
C GLU D 123 0.20 14.77 -13.11
N MET D 124 0.68 14.88 -14.35
CA MET D 124 1.40 16.09 -14.75
C MET D 124 0.45 17.29 -14.67
N ILE D 125 -0.77 17.09 -15.15
CA ILE D 125 -1.76 18.16 -15.11
C ILE D 125 -2.00 18.58 -13.66
N ARG D 126 -2.31 17.60 -12.81
CA ARG D 126 -2.58 17.86 -11.39
C ARG D 126 -1.50 18.70 -10.74
N GLU D 127 -0.25 18.32 -10.96
CA GLU D 127 0.87 19.04 -10.37
C GLU D 127 0.97 20.47 -10.89
N ALA D 128 0.65 20.69 -12.16
CA ALA D 128 0.72 22.04 -12.71
C ALA D 128 -0.55 22.84 -12.38
N ASP D 129 -1.67 22.14 -12.18
CA ASP D 129 -2.94 22.78 -11.86
C ASP D 129 -2.96 23.28 -10.42
N ILE D 130 -2.43 24.48 -10.23
CA ILE D 130 -2.34 25.09 -8.91
C ILE D 130 -3.67 25.32 -8.20
N ASP D 131 -4.64 25.94 -8.87
CA ASP D 131 -5.92 26.21 -8.21
C ASP D 131 -6.88 25.02 -8.19
N GLY D 132 -6.43 23.89 -8.70
CA GLY D 132 -7.24 22.68 -8.72
C GLY D 132 -8.54 22.72 -9.50
N ASP D 133 -8.59 23.47 -10.60
CA ASP D 133 -9.82 23.51 -11.39
C ASP D 133 -9.77 22.43 -12.46
N GLY D 134 -8.78 21.55 -12.34
CA GLY D 134 -8.63 20.46 -13.30
C GLY D 134 -7.87 20.80 -14.56
N GLN D 135 -7.61 22.09 -14.78
CA GLN D 135 -6.89 22.52 -15.97
C GLN D 135 -5.74 23.47 -15.66
N VAL D 136 -4.82 23.60 -16.61
CA VAL D 136 -3.66 24.47 -16.45
C VAL D 136 -3.79 25.71 -17.36
N ASN D 137 -3.90 26.88 -16.75
CA ASN D 137 -4.01 28.11 -17.51
C ASN D 137 -2.64 28.73 -17.75
N TYR D 138 -2.64 29.93 -18.31
CA TYR D 138 -1.40 30.63 -18.62
C TYR D 138 -0.50 30.88 -17.40
N GLU D 139 -1.06 31.46 -16.35
CA GLU D 139 -0.26 31.75 -15.16
C GLU D 139 0.33 30.48 -14.56
N GLU D 140 -0.49 29.43 -14.47
CA GLU D 140 -0.02 28.17 -13.90
C GLU D 140 1.10 27.58 -14.76
N PHE D 141 0.92 27.62 -16.09
CA PHE D 141 1.96 27.08 -16.97
C PHE D 141 3.26 27.86 -16.80
N VAL D 142 3.16 29.18 -16.72
CA VAL D 142 4.34 30.03 -16.56
C VAL D 142 5.11 29.61 -15.31
N GLN D 143 4.40 29.49 -14.20
CA GLN D 143 5.04 29.09 -12.94
C GLN D 143 5.75 27.73 -13.09
N MET D 144 5.10 26.78 -13.75
CA MET D 144 5.69 25.46 -13.94
C MET D 144 6.98 25.52 -14.75
N MET D 145 7.00 26.41 -15.75
CA MET D 145 8.17 26.58 -16.62
C MET D 145 9.29 27.38 -15.97
N THR D 146 8.96 28.16 -14.95
CA THR D 146 9.97 28.96 -14.27
C THR D 146 9.95 28.67 -12.77
N ALA D 147 10.97 27.97 -12.31
CA ALA D 147 11.08 27.63 -10.90
C ALA D 147 12.46 27.07 -10.61
N LYS D 148 12.53 26.18 -9.64
CA LYS D 148 13.81 25.57 -9.27
C LYS D 148 14.77 26.69 -8.87
N GLY E 4 26.10 18.38 -36.62
CA GLY E 4 26.33 17.75 -35.30
C GLY E 4 25.03 17.58 -34.50
N SER E 5 25.15 17.57 -33.19
CA SER E 5 24.00 17.42 -32.29
C SER E 5 23.36 16.02 -32.30
N THR E 6 24.11 15.02 -32.74
CA THR E 6 23.61 13.66 -32.80
C THR E 6 23.86 12.90 -31.48
N LEU E 7 24.94 13.23 -30.80
CA LEU E 7 25.25 12.60 -29.53
C LEU E 7 24.24 13.11 -28.50
N PHE E 8 23.85 14.38 -28.65
CA PHE E 8 22.88 14.97 -27.74
C PHE E 8 21.56 14.20 -27.80
N ALA E 9 21.11 13.89 -29.01
CA ALA E 9 19.85 13.15 -29.17
C ALA E 9 19.93 11.81 -28.45
N LEU E 10 21.11 11.19 -28.48
CA LEU E 10 21.30 9.90 -27.82
C LEU E 10 21.20 10.06 -26.31
N VAL E 11 21.95 11.01 -25.77
CA VAL E 11 21.94 11.27 -24.33
C VAL E 11 20.52 11.61 -23.87
N ARG E 12 19.83 12.41 -24.66
CA ARG E 12 18.47 12.83 -24.37
C ARG E 12 17.59 11.59 -24.27
N THR E 13 17.77 10.66 -25.19
CA THR E 13 16.97 9.44 -25.20
C THR E 13 17.26 8.65 -23.92
N ALA E 14 18.51 8.62 -23.50
CA ALA E 14 18.91 7.89 -22.29
C ALA E 14 18.29 8.54 -21.06
N LEU E 15 18.42 9.87 -20.96
CA LEU E 15 17.88 10.60 -19.84
C LEU E 15 16.37 10.47 -19.74
N ARG E 16 15.70 10.47 -20.88
CA ARG E 16 14.25 10.35 -20.90
C ARG E 16 13.83 9.01 -20.27
N ILE E 17 14.49 7.94 -20.68
CA ILE E 17 14.20 6.63 -20.14
C ILE E 17 14.41 6.64 -18.63
N LYS E 18 15.53 7.22 -18.20
CA LYS E 18 15.82 7.29 -16.77
C LYS E 18 14.75 8.09 -16.03
N THR E 19 14.37 9.22 -16.61
CA THR E 19 13.36 10.07 -15.99
C THR E 19 12.01 9.34 -15.86
N GLU E 20 11.60 8.62 -16.90
CA GLU E 20 10.33 7.89 -16.84
C GLU E 20 10.41 6.82 -15.76
N GLY E 21 11.60 6.27 -15.57
CA GLY E 21 11.79 5.25 -14.55
C GLY E 21 11.71 5.91 -13.18
N ASN E 22 12.30 7.09 -13.06
CA ASN E 22 12.28 7.84 -11.81
C ASN E 22 10.82 8.07 -11.41
N LEU E 23 9.99 8.42 -12.39
CA LEU E 23 8.57 8.69 -12.14
C LEU E 23 7.80 7.48 -11.64
N GLU E 24 8.02 6.33 -12.27
CA GLU E 24 7.33 5.11 -11.85
C GLU E 24 7.76 4.75 -10.43
N GLN E 25 9.05 4.83 -10.18
CA GLN E 25 9.60 4.51 -8.87
C GLN E 25 9.06 5.47 -7.81
N ALA E 26 8.96 6.75 -8.16
CA ALA E 26 8.47 7.75 -7.22
C ALA E 26 7.00 7.46 -6.91
N ASN E 27 6.23 7.07 -7.92
CA ASN E 27 4.82 6.76 -7.71
C ASN E 27 4.66 5.53 -6.82
N GLU E 28 5.46 4.50 -7.06
CA GLU E 28 5.36 3.29 -6.26
C GLU E 28 5.80 3.56 -4.82
N GLU E 29 6.79 4.44 -4.64
CA GLU E 29 7.27 4.78 -3.30
C GLU E 29 6.13 5.44 -2.53
N LEU E 30 5.42 6.33 -3.21
CA LEU E 30 4.31 7.03 -2.61
C LEU E 30 3.21 6.07 -2.20
N ARG E 31 2.85 5.14 -3.09
CA ARG E 31 1.80 4.17 -2.77
C ARG E 31 2.18 3.37 -1.52
N ALA E 32 3.44 2.98 -1.43
CA ALA E 32 3.94 2.21 -0.28
C ALA E 32 3.85 3.00 1.03
N ILE E 33 4.23 4.27 0.99
CA ILE E 33 4.20 5.09 2.19
C ILE E 33 2.74 5.30 2.62
N ILE E 34 1.89 5.62 1.66
CA ILE E 34 0.47 5.83 1.96
C ILE E 34 -0.15 4.56 2.56
N LYS E 35 0.17 3.41 2.00
CA LYS E 35 -0.37 2.14 2.50
C LYS E 35 0.06 1.95 3.94
N LYS E 36 1.34 2.22 4.20
CA LYS E 36 1.92 2.11 5.52
C LYS E 36 1.20 3.02 6.52
N ILE E 37 0.89 4.25 6.09
CA ILE E 37 0.21 5.18 6.97
C ILE E 37 -1.20 4.71 7.26
N TRP E 38 -1.87 4.12 6.28
CA TRP E 38 -3.22 3.60 6.50
C TRP E 38 -3.12 2.49 7.56
N LYS E 39 -2.15 1.60 7.40
CA LYS E 39 -1.96 0.48 8.34
C LYS E 39 -1.53 0.94 9.73
N ARG E 40 -0.48 1.74 9.81
CA ARG E 40 0.00 2.23 11.09
C ARG E 40 -1.08 3.01 11.82
N THR E 41 -1.91 3.74 11.07
CA THR E 41 -2.99 4.50 11.68
C THR E 41 -4.02 3.53 12.24
N SER E 42 -4.39 2.53 11.44
CA SER E 42 -5.35 1.51 11.86
C SER E 42 -4.96 0.79 13.14
N MET E 43 -3.77 0.18 13.17
CA MET E 43 -3.34 -0.55 14.35
C MET E 43 -3.19 0.36 15.58
N LYS E 44 -2.83 1.62 15.36
CA LYS E 44 -2.68 2.57 16.47
C LYS E 44 -4.07 2.88 16.98
N LEU E 45 -5.02 2.95 16.04
CA LEU E 45 -6.41 3.26 16.33
C LEU E 45 -7.06 2.13 17.13
N LEU E 46 -6.60 0.90 16.88
CA LEU E 46 -7.15 -0.26 17.59
C LEU E 46 -6.72 -0.24 19.07
N ASP E 47 -5.53 0.30 19.33
CA ASP E 47 -5.03 0.39 20.69
C ASP E 47 -5.77 1.51 21.41
N GLN E 48 -6.44 2.34 20.63
CA GLN E 48 -7.21 3.47 21.16
C GLN E 48 -8.48 3.00 21.86
N VAL E 49 -9.19 2.07 21.24
CA VAL E 49 -10.44 1.55 21.80
C VAL E 49 -10.33 1.24 23.29
N VAL E 50 -11.38 1.57 24.03
CA VAL E 50 -11.42 1.32 25.48
C VAL E 50 -12.30 0.12 25.79
N THR E 59 -13.24 -12.46 38.77
CA THR E 59 -13.10 -13.92 38.77
C THR E 59 -13.45 -14.50 37.40
N VAL E 60 -12.50 -14.45 36.48
CA VAL E 60 -12.72 -14.97 35.13
C VAL E 60 -12.01 -16.30 34.87
N GLY E 61 -12.24 -17.27 35.75
CA GLY E 61 -11.62 -18.58 35.58
C GLY E 61 -11.94 -19.17 34.22
N LYS E 62 -10.92 -19.71 33.55
CA LYS E 62 -11.09 -20.29 32.23
C LYS E 62 -10.55 -21.72 32.15
N PHE E 63 -10.15 -22.28 33.29
CA PHE E 63 -9.62 -23.63 33.32
C PHE E 63 -10.67 -24.66 32.93
N TYR E 64 -11.81 -24.64 33.61
CA TYR E 64 -12.86 -25.60 33.33
C TYR E 64 -13.40 -25.44 31.90
N ALA E 65 -13.51 -24.21 31.44
CA ALA E 65 -13.99 -23.93 30.08
C ALA E 65 -13.11 -24.62 29.05
N THR E 66 -11.80 -24.52 29.25
CA THR E 66 -10.84 -25.16 28.35
C THR E 66 -11.07 -26.65 28.34
N PHE E 67 -11.27 -27.22 29.52
CA PHE E 67 -11.53 -28.65 29.66
C PHE E 67 -12.80 -29.02 28.88
N LEU E 68 -13.85 -28.24 29.04
CA LEU E 68 -15.09 -28.53 28.33
C LEU E 68 -14.85 -28.58 26.82
N ILE E 69 -14.03 -27.67 26.32
CA ILE E 69 -13.74 -27.65 24.89
C ILE E 69 -12.96 -28.90 24.47
N GLN E 70 -11.96 -29.29 25.26
CA GLN E 70 -11.19 -30.49 24.93
C GLN E 70 -12.08 -31.72 24.95
N GLU E 71 -13.02 -31.77 25.90
CA GLU E 71 -13.89 -32.93 25.99
C GLU E 71 -14.78 -33.01 24.75
N TYR E 72 -15.28 -31.86 24.29
CA TYR E 72 -16.13 -31.85 23.09
C TYR E 72 -15.35 -32.39 21.89
N PHE E 73 -14.11 -31.94 21.74
CA PHE E 73 -13.26 -32.38 20.64
C PHE E 73 -13.08 -33.89 20.70
N ARG E 74 -12.86 -34.42 21.90
CA ARG E 74 -12.69 -35.85 22.10
C ARG E 74 -13.93 -36.60 21.64
N LYS E 75 -15.09 -36.16 22.13
CA LYS E 75 -16.34 -36.81 21.77
C LYS E 75 -16.55 -36.73 20.26
N PHE E 76 -16.21 -35.59 19.66
CA PHE E 76 -16.38 -35.44 18.22
C PHE E 76 -15.58 -36.51 17.47
N LYS E 77 -14.35 -36.75 17.90
CA LYS E 77 -13.51 -37.75 17.25
C LYS E 77 -14.01 -39.18 17.48
N LYS E 78 -14.74 -39.40 18.57
CA LYS E 78 -15.26 -40.73 18.87
C LYS E 78 -16.67 -41.03 18.37
N ARG E 79 -17.27 -40.10 17.64
CA ARG E 79 -18.61 -40.32 17.13
C ARG E 79 -18.64 -41.04 15.78
N GLY F 4 5.92 -1.99 30.07
CA GLY F 4 5.04 -0.82 30.35
C GLY F 4 4.63 -0.07 29.09
N SER F 5 5.25 -0.44 27.97
CA SER F 5 4.97 0.18 26.69
C SER F 5 5.43 1.62 26.59
N THR F 6 6.16 2.11 27.60
CA THR F 6 6.65 3.48 27.54
C THR F 6 7.73 3.55 26.46
N LEU F 7 8.63 2.57 26.43
CA LEU F 7 9.65 2.58 25.39
C LEU F 7 8.95 2.47 24.04
N PHE F 8 8.00 1.55 23.94
CA PHE F 8 7.27 1.37 22.69
C PHE F 8 6.58 2.63 22.19
N ALA F 9 5.91 3.36 23.08
CA ALA F 9 5.21 4.58 22.67
C ALA F 9 6.20 5.56 22.06
N LEU F 10 7.40 5.59 22.63
CA LEU F 10 8.45 6.47 22.14
C LEU F 10 8.87 6.08 20.72
N VAL F 11 9.08 4.78 20.50
CA VAL F 11 9.47 4.27 19.19
C VAL F 11 8.41 4.57 18.14
N ARG F 12 7.15 4.37 18.52
CA ARG F 12 6.05 4.61 17.62
C ARG F 12 6.04 6.09 17.18
N THR F 13 6.27 7.00 18.11
CA THR F 13 6.28 8.42 17.76
C THR F 13 7.46 8.73 16.85
N ALA F 14 8.62 8.17 17.15
CA ALA F 14 9.81 8.40 16.35
C ALA F 14 9.55 7.90 14.92
N LEU F 15 8.92 6.75 14.78
CA LEU F 15 8.62 6.19 13.46
C LEU F 15 7.52 6.97 12.74
N ARG F 16 6.56 7.50 13.50
CA ARG F 16 5.47 8.27 12.89
C ARG F 16 6.08 9.49 12.22
N ILE F 17 6.94 10.19 12.95
CA ILE F 17 7.61 11.38 12.47
C ILE F 17 8.42 11.05 11.20
N LYS F 18 9.14 9.93 11.24
CA LYS F 18 9.94 9.54 10.10
C LYS F 18 9.06 9.25 8.88
N THR F 19 7.95 8.54 9.12
CA THR F 19 7.04 8.19 8.04
C THR F 19 6.43 9.44 7.42
N GLU F 20 6.05 10.40 8.25
CA GLU F 20 5.48 11.65 7.76
C GLU F 20 6.53 12.36 6.91
N GLY F 21 7.80 12.24 7.33
CA GLY F 21 8.89 12.84 6.60
C GLY F 21 9.04 12.16 5.25
N ASN F 22 8.91 10.85 5.25
CA ASN F 22 9.02 10.05 4.02
C ASN F 22 7.98 10.48 3.00
N LEU F 23 6.77 10.74 3.48
CA LEU F 23 5.67 11.16 2.61
C LEU F 23 5.95 12.52 1.99
N GLU F 24 6.33 13.48 2.82
CA GLU F 24 6.64 14.82 2.35
C GLU F 24 7.80 14.77 1.35
N GLN F 25 8.81 13.96 1.66
CA GLN F 25 9.96 13.85 0.79
C GLN F 25 9.60 13.18 -0.55
N ALA F 26 8.69 12.20 -0.51
CA ALA F 26 8.27 11.51 -1.73
C ALA F 26 7.46 12.43 -2.64
N ASN F 27 6.65 13.30 -2.02
CA ASN F 27 5.84 14.24 -2.78
C ASN F 27 6.73 15.28 -3.46
N GLU F 28 7.80 15.68 -2.77
CA GLU F 28 8.74 16.66 -3.31
C GLU F 28 9.49 16.06 -4.49
N GLU F 29 9.87 14.80 -4.37
CA GLU F 29 10.57 14.15 -5.46
C GLU F 29 9.65 14.02 -6.67
N LEU F 30 8.40 13.65 -6.42
CA LEU F 30 7.44 13.51 -7.50
C LEU F 30 7.26 14.86 -8.21
N ARG F 31 7.16 15.94 -7.43
CA ARG F 31 6.99 17.28 -7.99
C ARG F 31 8.20 17.69 -8.84
N ALA F 32 9.39 17.32 -8.39
CA ALA F 32 10.60 17.66 -9.11
C ALA F 32 10.66 16.91 -10.43
N ILE F 33 10.29 15.63 -10.41
CA ILE F 33 10.32 14.82 -11.63
C ILE F 33 9.32 15.35 -12.64
N ILE F 34 8.12 15.64 -12.18
CA ILE F 34 7.06 16.16 -13.04
C ILE F 34 7.45 17.51 -13.66
N LYS F 35 8.07 18.37 -12.87
CA LYS F 35 8.50 19.68 -13.38
C LYS F 35 9.57 19.48 -14.42
N LYS F 36 10.48 18.54 -14.17
CA LYS F 36 11.55 18.26 -15.12
C LYS F 36 10.97 17.79 -16.44
N ILE F 37 9.90 17.00 -16.38
CA ILE F 37 9.26 16.50 -17.59
C ILE F 37 8.52 17.60 -18.36
N TRP F 38 7.86 18.51 -17.64
CA TRP F 38 7.14 19.61 -18.29
C TRP F 38 8.13 20.46 -19.06
N LYS F 39 9.25 20.78 -18.41
CA LYS F 39 10.30 21.60 -18.99
C LYS F 39 10.99 20.97 -20.20
N ARG F 40 11.32 19.69 -20.09
CA ARG F 40 11.96 19.04 -21.23
C ARG F 40 10.98 18.85 -22.37
N THR F 41 9.71 18.65 -22.04
CA THR F 41 8.70 18.50 -23.08
C THR F 41 8.56 19.80 -23.86
N SER F 42 8.49 20.93 -23.16
CA SER F 42 8.36 22.22 -23.83
C SER F 42 9.63 22.48 -24.62
N MET F 43 10.77 22.10 -24.05
CA MET F 43 12.06 22.29 -24.70
C MET F 43 12.06 21.58 -26.05
N LYS F 44 11.69 20.30 -26.03
CA LYS F 44 11.63 19.48 -27.24
C LYS F 44 10.53 19.99 -28.16
N LEU F 45 9.49 20.58 -27.57
CA LEU F 45 8.37 21.11 -28.34
C LEU F 45 8.79 22.32 -29.19
N LEU F 46 9.33 23.34 -28.53
CA LEU F 46 9.77 24.54 -29.24
C LEU F 46 10.88 24.21 -30.23
N ASP F 47 11.56 23.09 -30.00
CA ASP F 47 12.65 22.64 -30.86
C ASP F 47 12.09 22.18 -32.21
N GLN F 48 10.77 22.16 -32.33
CA GLN F 48 10.10 21.74 -33.56
C GLN F 48 9.97 22.93 -34.53
#